data_5OPM
#
_entry.id   5OPM
#
_cell.length_a   92.087
_cell.length_b   127.454
_cell.length_c   130.948
_cell.angle_alpha   90.000
_cell.angle_beta   90.000
_cell.angle_gamma   90.000
#
_symmetry.space_group_name_H-M   'I 2 2 2'
#
loop_
_entity.id
_entity.type
_entity.pdbx_description
1 polymer "Cytosolic purine 5'-nucleotidase"
2 non-polymer 'PHOSPHATE ION'
3 non-polymer 'MAGNESIUM ION'
4 non-polymer "2'-DEOXYADENOSINE 5'-TRIPHOSPHATE"
5 non-polymer GLYCEROL
6 water water
#
_entity_poly.entity_id   1
_entity_poly.type   'polypeptide(L)'
_entity_poly.pdbx_seq_one_letter_code
;TSWSDRLQNAADMPANMDKHALKKYRREAYHRVFVNRSLAMEKIKCFGFNMDYTLAVYKSPEYESLGFELTVERLVSIGY
PQELLSFAYDSTFPTRGLVFDTLYGNLLKVDAYGNLLVCAHGFNFIRGPETREQYPNKFIQRDDTERFYILNTLFNLPET
YLLACLVDFFTNCPRYTSCETGFKDGDLFMSYRSMFQDVRDAVDWVHYKGSLKEKTVENLEKYVVKDGKLPLLLSWMKEV
GKVFLATNSDYKYTDKIMTYLFDFPHGPKPGSSHRPWQSYFDLILVDARKPLFFGEGTVLRQVDTKTGKLKIGTYTGPLQ
HGIVYSGGSSDTICDLLGAKGKDILYIGDHIFGDILKSKKRQGWRTFLVIPELAQELHVWTDKSSLFEELQSLDIFLAEL
YKHLDSSSIQRRIKKVTHDMDMCYGMMGSLFRSGSRQTLFASQVMRYADLYAASFINLLYYPFSYLFRAAHVLMPHES
;
_entity_poly.pdbx_strand_id   A
#
loop_
_chem_comp.id
_chem_comp.type
_chem_comp.name
_chem_comp.formula
DTP non-polymer '2'-DEOXYADENOSINE 5'-TRIPHOSPHATE' 'C10 H16 N5 O12 P3'
GOL non-polymer GLYCEROL 'C3 H8 O3'
MG non-polymer 'MAGNESIUM ION' 'Mg 2'
PO4 non-polymer 'PHOSPHATE ION' 'O4 P -3'
#
# COMPACT_ATOMS: atom_id res chain seq x y z
N THR A 1 9.05 -7.23 16.39
CA THR A 1 9.33 -7.51 14.94
C THR A 1 8.21 -6.92 14.04
N SER A 2 8.59 -5.95 13.21
CA SER A 2 7.69 -5.33 12.23
C SER A 2 7.71 -6.13 10.93
N TRP A 3 6.75 -5.83 10.04
CA TRP A 3 6.71 -6.47 8.72
C TRP A 3 7.96 -6.20 7.89
N SER A 4 8.54 -5.00 8.05
CA SER A 4 9.74 -4.67 7.31
C SER A 4 10.96 -5.44 7.85
N ASP A 5 10.97 -5.78 9.15
CA ASP A 5 12.06 -6.61 9.72
C ASP A 5 12.13 -7.97 9.03
N ARG A 6 10.96 -8.58 8.88
CA ARG A 6 10.83 -9.84 8.09
C ARG A 6 11.36 -9.68 6.67
N LEU A 7 10.93 -8.62 5.99
CA LEU A 7 11.32 -8.41 4.60
C LEU A 7 12.84 -8.17 4.47
N GLN A 8 13.41 -7.41 5.42
CA GLN A 8 14.85 -7.12 5.39
C GLN A 8 15.65 -8.38 5.75
N ASN A 9 15.11 -9.21 6.67
CA ASN A 9 15.73 -10.50 7.01
C ASN A 9 15.82 -11.43 5.82
N ALA A 10 14.71 -11.55 5.10
CA ALA A 10 14.70 -12.34 3.85
C ALA A 10 15.59 -11.68 2.77
N ALA A 11 15.64 -10.35 2.74
CA ALA A 11 16.52 -9.59 1.84
C ALA A 11 18.02 -9.88 2.04
N ASP A 12 18.41 -10.12 3.30
CA ASP A 12 19.82 -10.41 3.62
C ASP A 12 20.32 -11.77 3.11
N MET A 13 19.41 -12.69 2.78
CA MET A 13 19.78 -13.98 2.20
C MET A 13 20.26 -13.80 0.73
N PRO A 14 21.42 -14.40 0.38
CA PRO A 14 21.75 -14.52 -1.04
C PRO A 14 20.90 -15.60 -1.70
N ALA A 15 20.55 -15.42 -2.96
CA ALA A 15 19.77 -16.42 -3.70
C ALA A 15 20.61 -17.67 -4.01
N ASN A 16 20.23 -18.82 -3.45
CA ASN A 16 20.72 -20.11 -3.92
C ASN A 16 19.87 -20.46 -5.14
N MET A 17 20.49 -20.34 -6.32
CA MET A 17 19.80 -20.40 -7.61
C MET A 17 19.65 -21.83 -8.16
N ASP A 18 20.08 -22.83 -7.38
CA ASP A 18 19.73 -24.24 -7.60
C ASP A 18 18.19 -24.39 -7.69
N LYS A 19 17.69 -25.13 -8.68
CA LYS A 19 16.24 -25.18 -8.98
C LYS A 19 15.41 -25.82 -7.86
N HIS A 20 15.93 -26.89 -7.27
CA HIS A 20 15.27 -27.54 -6.12
C HIS A 20 15.27 -26.63 -4.90
N ALA A 21 16.38 -25.91 -4.70
CA ALA A 21 16.47 -24.90 -3.64
C ALA A 21 15.48 -23.76 -3.89
N LEU A 22 15.39 -23.28 -5.14
CA LEU A 22 14.42 -22.24 -5.53
C LEU A 22 12.99 -22.66 -5.20
N LYS A 23 12.57 -23.83 -5.66
CA LYS A 23 11.26 -24.37 -5.28
C LYS A 23 11.12 -24.45 -3.76
N LYS A 24 12.15 -24.96 -3.07
CA LYS A 24 12.10 -25.11 -1.61
C LYS A 24 11.73 -23.85 -0.82
N TYR A 25 12.16 -22.65 -1.22
CA TYR A 25 11.81 -21.42 -0.44
C TYR A 25 10.29 -21.27 -0.22
N ARG A 26 9.49 -21.75 -1.17
CA ARG A 26 8.02 -21.76 -1.02
C ARG A 26 7.49 -22.67 0.12
N ARG A 27 8.34 -23.52 0.69
CA ARG A 27 8.06 -24.22 1.97
C ARG A 27 7.41 -23.29 2.99
N GLU A 28 7.88 -22.05 3.05
CA GLU A 28 7.28 -21.01 3.86
C GLU A 28 6.22 -20.26 3.04
N ALA A 29 5.05 -20.07 3.64
CA ALA A 29 3.99 -19.26 3.05
C ALA A 29 4.46 -17.82 2.79
N TYR A 30 5.39 -17.36 3.63
CA TYR A 30 6.08 -16.06 3.53
C TYR A 30 6.66 -15.77 2.12
N HIS A 31 7.15 -16.81 1.47
CA HIS A 31 7.82 -16.72 0.16
C HIS A 31 6.96 -17.11 -1.05
N ARG A 32 5.66 -17.37 -0.82
CA ARG A 32 4.76 -17.80 -1.88
CA ARG A 32 4.74 -17.80 -1.87
C ARG A 32 4.14 -16.60 -2.61
N VAL A 33 3.70 -16.86 -3.83
CA VAL A 33 2.85 -15.93 -4.56
C VAL A 33 1.45 -16.58 -4.51
N PHE A 34 0.46 -15.80 -4.09
CA PHE A 34 -0.90 -16.24 -3.93
C PHE A 34 -1.72 -15.86 -5.16
N VAL A 35 -2.71 -16.68 -5.47
CA VAL A 35 -3.38 -16.63 -6.80
C VAL A 35 -4.90 -16.47 -6.61
N ASN A 36 -5.43 -15.37 -7.10
CA ASN A 36 -6.89 -15.15 -7.19
C ASN A 36 -7.51 -15.57 -8.50
N ARG A 37 -6.78 -15.35 -9.60
CA ARG A 37 -7.20 -15.83 -10.92
C ARG A 37 -6.01 -16.42 -11.64
N SER A 38 -6.25 -17.47 -12.42
CA SER A 38 -5.13 -18.16 -13.06
C SER A 38 -4.33 -17.20 -13.96
N LEU A 39 -3.02 -17.43 -14.01
CA LEU A 39 -2.12 -16.60 -14.79
C LEU A 39 -0.98 -17.48 -15.30
N ALA A 40 -0.91 -17.61 -16.63
CA ALA A 40 0.17 -18.33 -17.30
C ALA A 40 1.32 -17.34 -17.52
N MET A 41 2.37 -17.50 -16.74
CA MET A 41 3.50 -16.56 -16.79
C MET A 41 4.19 -16.48 -18.16
N GLU A 42 4.16 -17.56 -18.93
CA GLU A 42 4.74 -17.54 -20.28
C GLU A 42 4.08 -16.51 -21.20
N LYS A 43 2.83 -16.14 -20.94
CA LYS A 43 2.14 -15.10 -21.72
C LYS A 43 2.50 -13.68 -21.34
N ILE A 44 3.19 -13.47 -20.23
CA ILE A 44 3.60 -12.13 -19.84
C ILE A 44 4.81 -11.71 -20.66
N LYS A 45 4.68 -10.61 -21.39
CA LYS A 45 5.76 -10.07 -22.23
C LYS A 45 6.44 -8.81 -21.65
N CYS A 46 5.73 -8.13 -20.73
CA CYS A 46 6.20 -6.88 -20.11
C CYS A 46 5.95 -6.95 -18.61
N PHE A 47 6.97 -6.66 -17.82
CA PHE A 47 6.86 -6.56 -16.38
C PHE A 47 6.94 -5.09 -16.01
N GLY A 48 5.89 -4.58 -15.39
CA GLY A 48 5.84 -3.18 -15.00
C GLY A 48 5.90 -3.01 -13.51
N PHE A 49 6.54 -1.93 -13.10
CA PHE A 49 6.74 -1.62 -11.68
C PHE A 49 6.32 -0.19 -11.33
N ASN A 50 6.03 0.01 -10.05
CA ASN A 50 6.10 1.33 -9.43
C ASN A 50 7.28 1.28 -8.45
N MET A 51 7.69 2.42 -7.94
CA MET A 51 8.83 2.49 -7.04
C MET A 51 8.44 2.48 -5.57
N ASP A 52 7.70 3.50 -5.15
CA ASP A 52 7.43 3.68 -3.71
C ASP A 52 6.65 2.55 -3.11
N TYR A 53 7.13 1.98 -2.04
CA TYR A 53 6.51 0.80 -1.40
C TYR A 53 6.35 -0.46 -2.25
N THR A 54 7.10 -0.55 -3.36
CA THR A 54 7.15 -1.76 -4.15
C THR A 54 8.63 -2.14 -4.37
N LEU A 55 9.34 -1.35 -5.16
CA LEU A 55 10.79 -1.51 -5.31
C LEU A 55 11.49 -0.95 -4.07
N ALA A 56 11.02 0.19 -3.59
CA ALA A 56 11.56 0.87 -2.41
C ALA A 56 10.58 0.70 -1.25
N VAL A 57 10.82 -0.34 -0.44
CA VAL A 57 9.95 -0.65 0.70
C VAL A 57 10.53 0.10 1.91
N TYR A 58 9.76 1.06 2.42
CA TYR A 58 10.24 1.92 3.52
C TYR A 58 10.16 1.17 4.83
N LYS A 59 11.20 1.28 5.63
CA LYS A 59 11.29 0.54 6.90
C LYS A 59 10.31 1.03 7.95
N SER A 60 9.73 0.08 8.67
CA SER A 60 8.70 0.34 9.69
C SER A 60 9.18 -0.05 11.09
N PRO A 61 8.89 0.78 12.11
CA PRO A 61 8.03 1.97 12.03
C PRO A 61 8.78 3.28 11.79
N GLU A 62 10.06 3.20 11.46
CA GLU A 62 10.88 4.41 11.35
C GLU A 62 10.32 5.40 10.34
N TYR A 63 9.93 4.91 9.16
CA TYR A 63 9.49 5.82 8.10
C TYR A 63 8.12 6.44 8.43
N GLU A 64 7.18 5.64 8.89
CA GLU A 64 5.89 6.16 9.37
C GLU A 64 6.12 7.22 10.47
N SER A 65 7.01 6.93 11.39
CA SER A 65 7.28 7.85 12.49
CA SER A 65 7.29 7.85 12.49
C SER A 65 7.84 9.19 11.99
N LEU A 66 8.73 9.14 11.01
CA LEU A 66 9.24 10.35 10.41
C LEU A 66 8.14 11.15 9.73
N GLY A 67 7.32 10.49 8.93
CA GLY A 67 6.17 11.17 8.29
C GLY A 67 5.24 11.81 9.31
N PHE A 68 4.94 11.06 10.37
CA PHE A 68 4.09 11.53 11.46
C PHE A 68 4.70 12.79 12.11
N GLU A 69 5.99 12.73 12.47
CA GLU A 69 6.65 13.85 13.16
C GLU A 69 6.62 15.11 12.31
N LEU A 70 6.93 14.95 11.01
CA LEU A 70 6.97 16.09 10.10
C LEU A 70 5.58 16.67 9.81
N THR A 71 4.58 15.80 9.72
CA THR A 71 3.19 16.24 9.52
C THR A 71 2.70 17.02 10.74
N VAL A 72 2.97 16.48 11.93
CA VAL A 72 2.68 17.21 13.20
C VAL A 72 3.35 18.57 13.23
N GLU A 73 4.63 18.61 12.86
CA GLU A 73 5.35 19.88 12.90
CA GLU A 73 5.42 19.87 12.84
C GLU A 73 4.77 20.90 11.91
N ARG A 74 4.34 20.44 10.77
CA ARG A 74 3.65 21.30 9.78
C ARG A 74 2.32 21.87 10.30
N LEU A 75 1.52 21.02 10.94
CA LEU A 75 0.27 21.49 11.55
C LEU A 75 0.54 22.52 12.64
N VAL A 76 1.55 22.28 13.48
CA VAL A 76 1.86 23.24 14.52
C VAL A 76 2.33 24.55 13.87
N SER A 77 3.12 24.43 12.81
CA SER A 77 3.63 25.63 12.12
CA SER A 77 3.63 25.61 12.06
C SER A 77 2.50 26.51 11.53
N ILE A 78 1.40 25.89 11.11
CA ILE A 78 0.26 26.66 10.60
C ILE A 78 -0.74 27.07 11.71
N GLY A 79 -0.47 26.69 12.95
CA GLY A 79 -1.21 27.23 14.10
C GLY A 79 -1.99 26.26 14.93
N TYR A 80 -1.86 24.96 14.69
CA TYR A 80 -2.41 23.96 15.61
C TYR A 80 -1.71 24.05 16.96
N PRO A 81 -2.38 23.56 18.02
CA PRO A 81 -1.82 23.79 19.35
C PRO A 81 -0.52 23.04 19.60
N GLN A 82 0.28 23.61 20.50
CA GLN A 82 1.56 23.06 20.86
C GLN A 82 1.52 21.65 21.39
N GLU A 83 0.41 21.27 22.04
CA GLU A 83 0.24 19.91 22.57
C GLU A 83 0.44 18.82 21.51
N LEU A 84 0.21 19.13 20.23
CA LEU A 84 0.47 18.16 19.15
C LEU A 84 1.91 17.64 19.20
N LEU A 85 2.84 18.49 19.64
CA LEU A 85 4.26 18.08 19.69
C LEU A 85 4.53 16.98 20.71
N SER A 86 3.62 16.73 21.63
CA SER A 86 3.77 15.61 22.55
C SER A 86 3.23 14.28 22.02
N PHE A 87 2.57 14.27 20.86
CA PHE A 87 2.15 13.01 20.25
C PHE A 87 3.40 12.24 19.81
N ALA A 88 3.32 10.92 19.78
CA ALA A 88 4.40 10.10 19.22
C ALA A 88 3.77 8.94 18.48
N TYR A 89 4.28 8.65 17.29
CA TYR A 89 3.69 7.60 16.43
C TYR A 89 3.64 6.24 17.15
N ASP A 90 2.50 5.57 17.08
CA ASP A 90 2.33 4.25 17.68
C ASP A 90 1.92 3.28 16.59
N SER A 91 2.83 2.38 16.20
CA SER A 91 2.57 1.42 15.15
C SER A 91 1.49 0.38 15.50
N THR A 92 1.12 0.27 16.78
CA THR A 92 0.16 -0.74 17.20
C THR A 92 -1.27 -0.28 16.95
N PHE A 93 -1.48 1.02 16.70
CA PHE A 93 -2.85 1.50 16.49
C PHE A 93 -3.36 1.29 15.06
N PRO A 94 -2.65 1.87 14.06
CA PRO A 94 -3.32 1.88 12.74
C PRO A 94 -3.23 0.53 12.02
N THR A 95 -4.29 0.19 11.33
CA THR A 95 -4.28 -0.83 10.28
C THR A 95 -4.60 -0.09 9.01
N ARG A 96 -4.02 -0.52 7.90
CA ARG A 96 -4.30 0.09 6.62
C ARG A 96 -5.72 -0.22 6.10
N GLY A 97 -6.27 0.73 5.32
CA GLY A 97 -7.55 0.54 4.60
C GLY A 97 -8.77 1.04 5.35
N LEU A 98 -8.56 1.70 6.47
CA LEU A 98 -9.64 2.29 7.24
C LEU A 98 -10.23 3.48 6.50
N VAL A 99 -11.45 3.81 6.86
CA VAL A 99 -12.21 4.90 6.26
C VAL A 99 -12.40 5.98 7.31
N PHE A 100 -11.96 7.20 7.03
CA PHE A 100 -12.27 8.30 7.90
C PHE A 100 -13.59 8.93 7.50
N ASP A 101 -14.51 8.95 8.45
CA ASP A 101 -15.80 9.59 8.26
C ASP A 101 -15.66 11.08 8.65
N THR A 102 -15.60 11.95 7.64
CA THR A 102 -15.39 13.38 7.92
C THR A 102 -16.55 14.08 8.58
N LEU A 103 -17.77 13.50 8.57
CA LEU A 103 -18.89 14.14 9.23
C LEU A 103 -18.77 14.00 10.76
N TYR A 104 -18.54 12.76 11.25
CA TYR A 104 -18.58 12.45 12.68
C TYR A 104 -17.21 12.21 13.32
N GLY A 105 -16.16 12.25 12.51
CA GLY A 105 -14.79 12.12 13.01
C GLY A 105 -14.40 10.76 13.53
N ASN A 106 -14.90 9.72 12.86
CA ASN A 106 -14.62 8.34 13.20
C ASN A 106 -13.72 7.66 12.20
N LEU A 107 -12.86 6.77 12.69
CA LEU A 107 -12.21 5.81 11.86
C LEU A 107 -13.05 4.54 11.84
N LEU A 108 -13.34 4.07 10.64
CA LEU A 108 -14.18 2.90 10.46
C LEU A 108 -13.44 1.80 9.72
N LYS A 109 -13.60 0.56 10.17
CA LYS A 109 -13.18 -0.60 9.41
C LYS A 109 -14.47 -1.20 8.88
N VAL A 110 -14.53 -1.35 7.56
CA VAL A 110 -15.76 -1.79 6.87
C VAL A 110 -15.48 -3.03 6.01
N ASP A 111 -16.58 -3.74 5.69
CA ASP A 111 -16.53 -4.82 4.69
C ASP A 111 -16.80 -4.25 3.28
N ALA A 112 -16.86 -5.15 2.30
CA ALA A 112 -17.02 -4.76 0.90
C ALA A 112 -18.32 -4.06 0.62
N TYR A 113 -19.29 -4.22 1.52
CA TYR A 113 -20.62 -3.68 1.34
C TYR A 113 -20.84 -2.40 2.14
N GLY A 114 -19.79 -1.90 2.79
CA GLY A 114 -19.92 -0.74 3.66
C GLY A 114 -20.49 -1.01 5.03
N ASN A 115 -20.59 -2.27 5.44
CA ASN A 115 -21.04 -2.61 6.76
C ASN A 115 -19.93 -2.34 7.79
N LEU A 116 -20.31 -1.79 8.93
CA LEU A 116 -19.34 -1.44 9.98
C LEU A 116 -18.84 -2.67 10.71
N LEU A 117 -17.52 -2.81 10.77
CA LEU A 117 -16.86 -3.85 11.54
C LEU A 117 -16.25 -3.31 12.85
N VAL A 118 -15.64 -2.12 12.75
CA VAL A 118 -15.02 -1.42 13.89
C VAL A 118 -15.30 0.07 13.69
N CYS A 119 -15.56 0.78 14.79
CA CYS A 119 -15.71 2.21 14.79
C CYS A 119 -14.99 2.79 15.99
N ALA A 120 -14.01 3.65 15.75
CA ALA A 120 -13.27 4.31 16.84
C ALA A 120 -13.38 5.81 16.67
N HIS A 121 -13.72 6.49 17.77
CA HIS A 121 -13.76 7.94 17.84
C HIS A 121 -12.59 8.32 18.76
N GLY A 122 -11.55 8.91 18.17
CA GLY A 122 -10.29 9.05 18.88
C GLY A 122 -9.79 7.64 19.19
N PHE A 123 -9.49 7.39 20.47
CA PHE A 123 -9.08 6.05 20.93
C PHE A 123 -10.23 5.30 21.63
N ASN A 124 -11.46 5.79 21.50
CA ASN A 124 -12.65 5.14 22.07
C ASN A 124 -13.28 4.22 21.05
N PHE A 125 -13.24 2.92 21.29
CA PHE A 125 -13.85 1.94 20.39
C PHE A 125 -15.31 1.80 20.75
N ILE A 126 -16.16 2.17 19.80
CA ILE A 126 -17.60 2.32 20.03
C ILE A 126 -18.24 0.96 19.77
N ARG A 127 -18.95 0.43 20.76
CA ARG A 127 -19.58 -0.88 20.62
C ARG A 127 -20.82 -0.78 19.72
N GLY A 128 -21.28 -1.93 19.26
CA GLY A 128 -22.33 -1.99 18.23
C GLY A 128 -23.57 -1.13 18.47
N PRO A 129 -24.19 -1.26 19.65
CA PRO A 129 -25.41 -0.48 19.97
C PRO A 129 -25.21 1.05 19.97
N GLU A 130 -24.10 1.50 20.53
CA GLU A 130 -23.73 2.93 20.47
C GLU A 130 -23.47 3.42 19.02
N THR A 131 -23.00 2.56 18.11
CA THR A 131 -22.80 3.02 16.72
C THR A 131 -24.12 3.35 16.00
N ARG A 132 -25.23 2.76 16.46
CA ARG A 132 -26.51 2.97 15.78
C ARG A 132 -27.06 4.39 15.78
N GLU A 133 -26.63 5.22 16.72
CA GLU A 133 -27.07 6.62 16.77
C GLU A 133 -26.58 7.35 15.50
N GLN A 134 -25.31 7.18 15.15
CA GLN A 134 -24.74 7.81 13.97
C GLN A 134 -24.85 6.99 12.69
N TYR A 135 -24.94 5.67 12.82
CA TYR A 135 -25.02 4.75 11.67
C TYR A 135 -26.21 3.85 11.88
N PRO A 136 -27.43 4.35 11.59
CA PRO A 136 -28.63 3.57 11.99
C PRO A 136 -28.74 2.17 11.39
N ASN A 137 -28.17 1.97 10.20
CA ASN A 137 -28.15 0.65 9.54
C ASN A 137 -26.74 0.00 9.62
N LYS A 138 -25.88 0.49 10.51
CA LYS A 138 -24.51 -0.03 10.64
C LYS A 138 -23.83 -0.15 9.26
N PHE A 139 -23.93 0.93 8.52
CA PHE A 139 -23.63 0.95 7.11
C PHE A 139 -23.22 2.34 6.68
N ILE A 140 -22.27 2.41 5.77
CA ILE A 140 -21.92 3.65 5.09
C ILE A 140 -22.03 3.49 3.58
N GLN A 141 -22.37 4.58 2.90
CA GLN A 141 -22.36 4.66 1.43
C GLN A 141 -20.92 4.95 1.01
N ARG A 142 -20.16 3.88 0.78
CA ARG A 142 -18.66 3.89 0.52
C ARG A 142 -18.05 4.95 -0.42
N ASP A 143 -18.81 5.14 -1.48
CA ASP A 143 -18.53 6.02 -2.60
C ASP A 143 -19.22 7.40 -2.50
N ASP A 144 -19.78 7.73 -1.33
CA ASP A 144 -19.94 9.12 -0.95
C ASP A 144 -18.51 9.59 -0.67
N THR A 145 -17.78 9.86 -1.74
CA THR A 145 -16.35 10.11 -1.65
C THR A 145 -16.04 11.49 -1.07
N GLU A 146 -17.03 12.40 -1.04
CA GLU A 146 -16.83 13.67 -0.35
C GLU A 146 -16.86 13.48 1.18
N ARG A 147 -17.69 12.57 1.69
CA ARG A 147 -17.79 12.33 3.13
C ARG A 147 -16.71 11.37 3.68
N PHE A 148 -16.47 10.29 2.94
CA PHE A 148 -15.60 9.19 3.39
C PHE A 148 -14.30 9.15 2.64
N TYR A 149 -13.18 9.05 3.36
CA TYR A 149 -11.87 8.94 2.73
C TYR A 149 -11.23 7.59 3.12
N ILE A 150 -10.87 6.81 2.11
CA ILE A 150 -10.31 5.47 2.31
C ILE A 150 -8.78 5.57 2.35
N LEU A 151 -8.21 5.13 3.47
CA LEU A 151 -6.76 5.26 3.71
C LEU A 151 -6.04 4.00 3.20
N ASN A 152 -5.89 3.94 1.88
CA ASN A 152 -5.42 2.74 1.12
C ASN A 152 -3.97 2.37 1.23
N THR A 153 -3.07 3.35 1.38
CA THR A 153 -1.64 3.08 1.18
C THR A 153 -0.86 3.11 2.48
N LEU A 154 0.35 2.58 2.42
CA LEU A 154 1.24 2.61 3.58
C LEU A 154 1.62 4.07 3.90
N PHE A 155 1.61 4.96 2.91
CA PHE A 155 1.81 6.41 3.17
C PHE A 155 0.77 7.01 4.07
N ASN A 156 -0.43 6.41 4.09
CA ASN A 156 -1.54 6.88 4.93
C ASN A 156 -1.49 6.39 6.38
N LEU A 157 -0.53 5.55 6.74
CA LEU A 157 -0.47 5.04 8.13
C LEU A 157 -0.26 6.17 9.15
N PRO A 158 0.68 7.08 8.91
CA PRO A 158 0.84 8.19 9.90
C PRO A 158 -0.42 9.01 10.13
N GLU A 159 -1.13 9.35 9.06
CA GLU A 159 -2.34 10.17 9.20
C GLU A 159 -3.49 9.40 9.81
N THR A 160 -3.53 8.08 9.61
CA THR A 160 -4.52 7.23 10.28
C THR A 160 -4.38 7.40 11.78
N TYR A 161 -3.14 7.28 12.28
CA TYR A 161 -2.90 7.47 13.72
C TYR A 161 -3.12 8.93 14.16
N LEU A 162 -2.63 9.88 13.38
CA LEU A 162 -2.75 11.31 13.71
C LEU A 162 -4.22 11.74 13.83
N LEU A 163 -5.07 11.27 12.94
CA LEU A 163 -6.51 11.63 13.02
C LEU A 163 -7.12 11.21 14.36
N ALA A 164 -6.81 10.00 14.81
CA ALA A 164 -7.27 9.49 16.09
C ALA A 164 -6.66 10.30 17.24
N CYS A 165 -5.37 10.61 17.13
CA CYS A 165 -4.67 11.49 18.15
C CYS A 165 -5.34 12.84 18.30
N LEU A 166 -5.69 13.45 17.17
CA LEU A 166 -6.32 14.77 17.15
C LEU A 166 -7.72 14.72 17.73
N VAL A 167 -8.52 13.73 17.29
CA VAL A 167 -9.85 13.63 17.89
C VAL A 167 -9.78 13.39 19.40
N ASP A 168 -8.87 12.52 19.83
CA ASP A 168 -8.68 12.28 21.25
C ASP A 168 -8.25 13.56 21.98
N PHE A 169 -7.28 14.28 21.41
CA PHE A 169 -6.77 15.51 22.05
C PHE A 169 -7.87 16.56 22.24
N PHE A 170 -8.56 16.90 21.15
CA PHE A 170 -9.58 17.94 21.21
C PHE A 170 -10.74 17.55 22.10
N THR A 171 -11.11 16.27 22.12
CA THR A 171 -12.20 15.79 22.97
C THR A 171 -11.88 16.01 24.44
N ASN A 172 -10.63 15.73 24.82
CA ASN A 172 -10.26 15.74 26.23
C ASN A 172 -9.61 17.02 26.70
N CYS A 173 -9.45 18.01 25.83
CA CYS A 173 -8.85 19.28 26.19
C CYS A 173 -9.97 20.23 26.58
N PRO A 174 -9.93 20.78 27.82
CA PRO A 174 -11.09 21.58 28.27
C PRO A 174 -11.33 22.89 27.50
N ARG A 175 -10.36 23.38 26.71
CA ARG A 175 -10.56 24.58 25.90
C ARG A 175 -11.63 24.41 24.80
N TYR A 176 -11.87 23.16 24.39
CA TYR A 176 -12.73 22.83 23.25
C TYR A 176 -14.00 22.19 23.74
N THR A 177 -15.11 22.47 23.07
CA THR A 177 -16.38 21.84 23.38
C THR A 177 -16.67 20.88 22.25
N SER A 178 -16.87 19.61 22.59
CA SER A 178 -17.16 18.59 21.60
C SER A 178 -18.58 18.77 21.07
N CYS A 179 -18.72 18.77 19.74
CA CYS A 179 -20.03 18.82 19.09
C CYS A 179 -20.12 17.62 18.14
N GLU A 180 -21.30 17.41 17.59
CA GLU A 180 -21.54 16.25 16.74
C GLU A 180 -20.57 16.18 15.54
N THR A 181 -20.32 17.33 14.91
CA THR A 181 -19.55 17.40 13.68
C THR A 181 -18.19 18.08 13.80
N GLY A 182 -17.77 18.39 15.04
CA GLY A 182 -16.44 18.94 15.26
C GLY A 182 -16.34 19.57 16.64
N PHE A 183 -15.47 20.59 16.76
CA PHE A 183 -15.17 21.21 18.06
C PHE A 183 -15.36 22.73 18.02
N LYS A 184 -15.94 23.25 19.10
CA LYS A 184 -16.11 24.68 19.29
C LYS A 184 -14.99 25.19 20.20
N ASP A 185 -14.32 26.26 19.76
CA ASP A 185 -13.26 26.94 20.54
C ASP A 185 -13.63 28.41 20.60
N GLY A 186 -14.49 28.77 21.54
CA GLY A 186 -15.10 30.10 21.59
C GLY A 186 -15.84 30.42 20.31
N ASP A 187 -15.36 31.46 19.60
CA ASP A 187 -15.98 31.93 18.35
C ASP A 187 -15.36 31.26 17.10
N LEU A 188 -14.64 30.15 17.30
CA LEU A 188 -14.10 29.37 16.21
C LEU A 188 -14.72 27.97 16.24
N PHE A 189 -15.10 27.45 15.08
CA PHE A 189 -15.62 26.08 15.00
C PHE A 189 -14.76 25.29 14.04
N MET A 190 -14.16 24.21 14.52
CA MET A 190 -13.33 23.32 13.70
C MET A 190 -14.08 22.04 13.43
N SER A 191 -14.60 21.90 12.22
CA SER A 191 -15.30 20.69 11.80
C SER A 191 -14.28 19.56 11.67
N TYR A 192 -14.73 18.33 11.90
CA TYR A 192 -13.89 17.16 11.58
C TYR A 192 -13.46 17.18 10.11
N ARG A 193 -14.33 17.68 9.23
CA ARG A 193 -13.98 17.73 7.82
C ARG A 193 -12.81 18.67 7.53
N SER A 194 -12.84 19.86 8.15
CA SER A 194 -11.77 20.87 7.93
C SER A 194 -10.47 20.39 8.57
N MET A 195 -10.58 19.75 9.74
CA MET A 195 -9.43 19.12 10.40
C MET A 195 -8.80 18.05 9.53
N PHE A 196 -9.65 17.16 8.99
CA PHE A 196 -9.17 16.14 8.07
C PHE A 196 -8.41 16.75 6.87
N GLN A 197 -8.99 17.80 6.30
CA GLN A 197 -8.39 18.42 5.13
C GLN A 197 -7.05 19.04 5.47
N ASP A 198 -6.94 19.63 6.66
CA ASP A 198 -5.66 20.16 7.12
C ASP A 198 -4.62 19.04 7.24
N VAL A 199 -5.02 17.89 7.78
CA VAL A 199 -4.11 16.76 7.90
C VAL A 199 -3.66 16.27 6.50
N ARG A 200 -4.60 16.05 5.59
CA ARG A 200 -4.29 15.64 4.22
C ARG A 200 -3.34 16.61 3.55
N ASP A 201 -3.64 17.90 3.69
CA ASP A 201 -2.80 18.94 3.09
C ASP A 201 -1.39 18.91 3.69
N ALA A 202 -1.29 18.69 5.00
CA ALA A 202 0.03 18.66 5.67
C ALA A 202 0.86 17.45 5.25
N VAL A 203 0.21 16.28 5.09
CA VAL A 203 0.92 15.09 4.61
C VAL A 203 1.43 15.35 3.18
N ASP A 204 0.57 15.87 2.30
CA ASP A 204 1.01 16.19 0.93
C ASP A 204 2.19 17.18 0.97
N TRP A 205 2.07 18.18 1.83
CA TRP A 205 3.08 19.22 1.98
C TRP A 205 4.43 18.63 2.40
N VAL A 206 4.45 17.79 3.41
CA VAL A 206 5.75 17.24 3.85
C VAL A 206 6.44 16.42 2.72
N HIS A 207 5.64 15.72 1.92
CA HIS A 207 6.15 14.94 0.77
C HIS A 207 6.61 15.80 -0.40
N TYR A 208 5.90 16.88 -0.69
CA TYR A 208 6.20 17.65 -1.90
C TYR A 208 6.93 18.97 -1.70
N LYS A 209 6.79 19.59 -0.53
CA LYS A 209 7.38 20.92 -0.22
C LYS A 209 8.29 20.93 1.02
N GLY A 210 8.11 19.98 1.92
CA GLY A 210 8.85 19.87 3.14
C GLY A 210 10.08 19.00 3.02
N SER A 211 10.48 18.41 4.16
CA SER A 211 11.81 17.84 4.30
C SER A 211 11.83 16.32 4.31
N LEU A 212 10.69 15.67 4.04
CA LEU A 212 10.63 14.20 4.20
C LEU A 212 11.57 13.50 3.22
N LYS A 213 11.56 13.90 1.97
CA LYS A 213 12.41 13.25 0.96
C LYS A 213 13.89 13.48 1.28
N GLU A 214 14.22 14.72 1.66
CA GLU A 214 15.60 15.08 2.06
C GLU A 214 16.09 14.23 3.25
N LYS A 215 15.25 14.09 4.27
CA LYS A 215 15.61 13.27 5.43
C LYS A 215 15.68 11.77 5.13
N THR A 216 14.85 11.28 4.19
CA THR A 216 14.92 9.89 3.76
C THR A 216 16.26 9.63 3.06
N VAL A 217 16.61 10.47 2.12
CA VAL A 217 17.79 10.25 1.30
C VAL A 217 19.07 10.47 2.09
N GLU A 218 18.99 11.24 3.17
CA GLU A 218 20.09 11.41 4.14
C GLU A 218 20.47 10.15 4.89
N ASN A 219 19.52 9.24 5.05
CA ASN A 219 19.77 8.03 5.81
C ASN A 219 18.99 6.87 5.21
N LEU A 220 19.43 6.46 4.03
CA LEU A 220 18.73 5.44 3.27
C LEU A 220 18.72 4.09 3.94
N GLU A 221 19.80 3.79 4.68
CA GLU A 221 19.88 2.53 5.36
C GLU A 221 18.86 2.43 6.51
N LYS A 222 18.59 3.55 7.17
CA LYS A 222 17.56 3.61 8.21
C LYS A 222 16.13 3.43 7.66
N TYR A 223 15.93 3.99 6.47
CA TYR A 223 14.57 4.17 5.91
C TYR A 223 14.16 3.26 4.76
N VAL A 224 15.09 2.58 4.10
CA VAL A 224 14.74 1.80 2.88
C VAL A 224 15.35 0.40 2.87
N VAL A 225 14.51 -0.60 2.66
CA VAL A 225 14.91 -2.01 2.53
C VAL A 225 15.77 -2.15 1.26
N LYS A 226 16.88 -2.84 1.41
CA LYS A 226 17.79 -3.06 0.30
C LYS A 226 18.07 -4.55 0.21
N ASP A 227 18.01 -5.09 -1.00
CA ASP A 227 18.02 -6.54 -1.23
C ASP A 227 18.78 -6.86 -2.50
N GLY A 228 19.87 -7.62 -2.40
CA GLY A 228 20.67 -7.98 -3.57
C GLY A 228 19.94 -8.82 -4.59
N LYS A 229 18.82 -9.43 -4.19
CA LYS A 229 18.02 -10.21 -5.12
C LYS A 229 17.17 -9.39 -6.07
N LEU A 230 16.99 -8.09 -5.77
CA LEU A 230 16.22 -7.22 -6.62
C LEU A 230 16.84 -7.08 -8.03
N PRO A 231 18.12 -6.71 -8.12
CA PRO A 231 18.73 -6.69 -9.45
C PRO A 231 18.73 -8.04 -10.17
N LEU A 232 18.86 -9.13 -9.42
CA LEU A 232 18.84 -10.47 -10.02
C LEU A 232 17.50 -10.74 -10.68
N LEU A 233 16.43 -10.54 -9.92
CA LEU A 233 15.07 -10.82 -10.46
C LEU A 233 14.78 -9.95 -11.68
N LEU A 234 15.07 -8.66 -11.56
CA LEU A 234 14.87 -7.74 -12.68
C LEU A 234 15.67 -8.17 -13.92
N SER A 235 16.91 -8.63 -13.74
CA SER A 235 17.68 -9.13 -14.89
C SER A 235 17.03 -10.36 -15.55
N TRP A 236 16.44 -11.26 -14.74
CA TRP A 236 15.76 -12.45 -15.28
C TRP A 236 14.50 -12.04 -16.07
N MET A 237 13.74 -11.08 -15.52
CA MET A 237 12.60 -10.52 -16.24
C MET A 237 12.98 -9.95 -17.59
N LYS A 238 14.10 -9.23 -17.65
CA LYS A 238 14.54 -8.59 -18.90
C LYS A 238 15.10 -9.59 -19.92
N GLU A 239 15.50 -10.77 -19.47
CA GLU A 239 15.89 -11.85 -20.37
C GLU A 239 14.69 -12.47 -21.08
N VAL A 240 13.52 -12.51 -20.42
CA VAL A 240 12.32 -13.09 -21.04
C VAL A 240 11.33 -12.08 -21.58
N GLY A 241 11.42 -10.82 -21.19
CA GLY A 241 10.50 -9.81 -21.69
C GLY A 241 11.04 -8.42 -21.53
N LYS A 242 10.14 -7.46 -21.57
CA LYS A 242 10.49 -6.06 -21.36
C LYS A 242 10.15 -5.66 -19.91
N VAL A 243 10.88 -4.68 -19.42
CA VAL A 243 10.72 -4.17 -18.04
C VAL A 243 10.50 -2.66 -18.08
N PHE A 244 9.48 -2.17 -17.37
CA PHE A 244 9.25 -0.74 -17.30
C PHE A 244 8.94 -0.28 -15.87
N LEU A 245 9.19 0.99 -15.66
CA LEU A 245 8.87 1.69 -14.43
C LEU A 245 7.88 2.78 -14.75
N ALA A 246 6.78 2.81 -13.98
CA ALA A 246 5.85 3.92 -14.03
C ALA A 246 5.59 4.33 -12.59
N THR A 247 6.23 5.42 -12.19
CA THR A 247 6.17 5.92 -10.81
C THR A 247 5.50 7.31 -10.73
N ASN A 248 4.73 7.51 -9.66
CA ASN A 248 4.21 8.82 -9.36
C ASN A 248 5.28 9.80 -8.83
N SER A 249 6.44 9.29 -8.42
CA SER A 249 7.51 10.16 -7.95
C SER A 249 8.21 10.84 -9.13
N ASP A 250 8.93 11.91 -8.80
CA ASP A 250 9.67 12.70 -9.76
C ASP A 250 11.03 12.06 -10.04
N TYR A 251 11.69 12.54 -11.09
CA TYR A 251 12.94 11.93 -11.52
C TYR A 251 14.07 12.05 -10.49
N LYS A 252 14.23 13.23 -9.90
CA LYS A 252 15.37 13.43 -8.99
C LYS A 252 15.29 12.47 -7.80
N TYR A 253 14.10 12.35 -7.23
CA TYR A 253 13.91 11.42 -6.10
C TYR A 253 14.06 9.96 -6.57
N THR A 254 13.44 9.63 -7.70
CA THR A 254 13.56 8.27 -8.24
C THR A 254 15.03 7.88 -8.43
N ASP A 255 15.80 8.78 -8.99
CA ASP A 255 17.22 8.52 -9.27
C ASP A 255 17.98 8.27 -7.95
N LYS A 256 17.74 9.10 -6.95
CA LYS A 256 18.39 8.87 -5.65
C LYS A 256 18.05 7.52 -5.03
N ILE A 257 16.75 7.19 -5.00
CA ILE A 257 16.31 5.95 -4.40
C ILE A 257 16.78 4.71 -5.20
N MET A 258 16.57 4.74 -6.50
CA MET A 258 16.96 3.61 -7.34
C MET A 258 18.47 3.40 -7.31
N THR A 259 19.24 4.49 -7.27
CA THR A 259 20.70 4.34 -7.17
C THR A 259 21.08 3.56 -5.90
N TYR A 260 20.47 3.93 -4.79
CA TYR A 260 20.68 3.21 -3.54
C TYR A 260 20.26 1.73 -3.66
N LEU A 261 19.08 1.48 -4.25
CA LEU A 261 18.60 0.08 -4.37
C LEU A 261 19.52 -0.83 -5.18
N PHE A 262 20.29 -0.22 -6.10
CA PHE A 262 21.23 -0.95 -6.96
C PHE A 262 22.68 -0.79 -6.51
N ASP A 263 22.93 -0.17 -5.35
CA ASP A 263 24.32 0.10 -4.93
C ASP A 263 24.91 -1.11 -4.21
N PHE A 264 25.44 -2.02 -5.01
CA PHE A 264 26.19 -3.17 -4.55
C PHE A 264 27.46 -3.18 -5.38
N PRO A 265 28.50 -3.89 -4.92
CA PRO A 265 29.74 -3.91 -5.67
C PRO A 265 29.73 -4.95 -6.79
N HIS A 266 28.57 -5.19 -7.38
CA HIS A 266 28.34 -6.17 -8.44
C HIS A 266 27.03 -5.84 -9.12
N GLY A 267 26.79 -6.50 -10.25
CA GLY A 267 25.55 -6.37 -11.00
C GLY A 267 24.53 -7.40 -10.50
N PRO A 268 23.78 -8.02 -11.40
CA PRO A 268 22.75 -8.99 -10.98
C PRO A 268 23.22 -10.06 -9.98
N LYS A 269 24.38 -10.71 -10.25
CA LYS A 269 24.94 -11.74 -9.36
C LYS A 269 26.31 -11.27 -8.84
N PRO A 270 26.73 -11.77 -7.65
CA PRO A 270 28.09 -11.53 -7.20
C PRO A 270 29.09 -11.91 -8.28
N GLY A 271 30.13 -11.12 -8.40
CA GLY A 271 31.15 -11.33 -9.41
C GLY A 271 30.91 -10.61 -10.73
N SER A 272 29.68 -10.18 -10.99
CA SER A 272 29.35 -9.47 -12.25
C SER A 272 29.56 -7.96 -12.12
N SER A 273 29.90 -7.30 -13.22
CA SER A 273 30.08 -5.85 -13.18
C SER A 273 28.81 -5.14 -12.74
N HIS A 274 28.96 -4.14 -11.90
CA HIS A 274 27.79 -3.28 -11.57
C HIS A 274 27.33 -2.53 -12.80
N ARG A 275 26.00 -2.43 -12.95
CA ARG A 275 25.36 -1.71 -14.04
C ARG A 275 24.43 -0.62 -13.42
N PRO A 276 24.30 0.53 -14.09
CA PRO A 276 23.35 1.55 -13.56
C PRO A 276 21.90 1.05 -13.50
N TRP A 277 21.13 1.55 -12.55
CA TRP A 277 19.76 1.12 -12.41
C TRP A 277 18.94 1.27 -13.69
N GLN A 278 19.22 2.33 -14.45
CA GLN A 278 18.41 2.62 -15.64
C GLN A 278 18.53 1.52 -16.69
N SER A 279 19.67 0.81 -16.68
CA SER A 279 19.93 -0.26 -17.65
C SER A 279 19.01 -1.46 -17.47
N TYR A 280 18.33 -1.56 -16.34
CA TYR A 280 17.42 -2.65 -16.05
C TYR A 280 16.03 -2.42 -16.64
N PHE A 281 15.79 -1.23 -17.23
CA PHE A 281 14.46 -0.83 -17.72
C PHE A 281 14.48 -0.50 -19.21
N ASP A 282 13.52 -1.07 -19.93
CA ASP A 282 13.30 -0.71 -21.32
C ASP A 282 12.58 0.61 -21.46
N LEU A 283 11.83 1.00 -20.43
CA LEU A 283 11.09 2.26 -20.43
C LEU A 283 11.01 2.77 -19.00
N ILE A 284 11.35 4.03 -18.78
CA ILE A 284 11.28 4.65 -17.47
C ILE A 284 10.36 5.85 -17.57
N LEU A 285 9.35 5.90 -16.72
CA LEU A 285 8.36 6.98 -16.75
C LEU A 285 8.09 7.43 -15.32
N VAL A 286 8.25 8.73 -15.09
CA VAL A 286 8.07 9.36 -13.79
C VAL A 286 6.91 10.33 -13.87
N ASP A 287 6.55 10.92 -12.72
CA ASP A 287 5.39 11.84 -12.63
C ASP A 287 4.15 11.23 -13.28
N ALA A 288 3.90 9.94 -13.04
CA ALA A 288 2.87 9.22 -13.78
C ALA A 288 1.45 9.71 -13.54
N ARG A 289 1.20 10.28 -12.39
CA ARG A 289 -0.15 10.69 -11.99
C ARG A 289 -1.15 9.57 -12.13
N LYS A 290 -0.80 8.41 -11.61
CA LYS A 290 -1.80 7.34 -11.43
C LYS A 290 -2.75 7.81 -10.34
N PRO A 291 -4.08 7.60 -10.45
CA PRO A 291 -4.75 6.75 -11.39
C PRO A 291 -5.12 7.41 -12.73
N LEU A 292 -5.04 8.74 -12.81
CA LEU A 292 -5.37 9.45 -14.07
C LEU A 292 -4.61 8.87 -15.27
N PHE A 293 -3.36 8.45 -15.03
CA PHE A 293 -2.51 7.72 -15.97
C PHE A 293 -3.23 6.63 -16.79
N PHE A 294 -4.14 5.90 -16.14
CA PHE A 294 -4.89 4.80 -16.77
C PHE A 294 -6.12 5.26 -17.52
N GLY A 295 -6.41 6.57 -17.47
CA GLY A 295 -7.44 7.18 -18.33
C GLY A 295 -6.77 8.09 -19.35
N GLU A 296 -7.13 9.37 -19.33
CA GLU A 296 -6.63 10.36 -20.31
C GLU A 296 -5.14 10.65 -20.07
N GLY A 297 -4.69 10.42 -18.83
CA GLY A 297 -3.32 10.77 -18.46
C GLY A 297 -3.05 12.25 -18.57
N THR A 298 -1.79 12.61 -18.84
CA THR A 298 -1.35 13.99 -19.00
C THR A 298 -0.45 14.03 -20.23
N VAL A 299 -0.07 15.22 -20.68
CA VAL A 299 0.78 15.28 -21.89
C VAL A 299 2.10 14.59 -21.60
N LEU A 300 2.64 13.94 -22.61
CA LEU A 300 3.90 13.24 -22.48
C LEU A 300 5.04 14.27 -22.53
N ARG A 301 5.89 14.25 -21.51
CA ARG A 301 7.06 15.13 -21.44
C ARG A 301 8.35 14.29 -21.40
N GLN A 302 9.47 14.94 -21.66
CA GLN A 302 10.78 14.30 -21.59
C GLN A 302 11.56 14.95 -20.46
N VAL A 303 12.21 14.12 -19.64
CA VAL A 303 13.06 14.60 -18.56
C VAL A 303 14.46 14.88 -19.12
N ASP A 304 15.03 16.04 -18.78
CA ASP A 304 16.45 16.30 -19.01
C ASP A 304 17.16 15.66 -17.81
N THR A 305 17.77 14.49 -18.03
CA THR A 305 18.31 13.69 -16.91
C THR A 305 19.60 14.29 -16.29
N LYS A 306 20.26 15.20 -17.01
CA LYS A 306 21.37 15.97 -16.46
C LYS A 306 20.92 16.96 -15.38
N THR A 307 19.83 17.71 -15.64
CA THR A 307 19.35 18.72 -14.70
C THR A 307 18.24 18.25 -13.77
N GLY A 308 17.53 17.19 -14.19
CA GLY A 308 16.34 16.72 -13.52
C GLY A 308 15.10 17.58 -13.79
N LYS A 309 15.21 18.57 -14.67
CA LYS A 309 14.06 19.39 -15.07
C LYS A 309 13.40 18.75 -16.31
N LEU A 310 12.14 19.07 -16.52
CA LEU A 310 11.48 18.67 -17.76
C LEU A 310 11.95 19.57 -18.90
N LYS A 311 12.14 18.98 -20.08
CA LYS A 311 12.33 19.77 -21.28
C LYS A 311 11.01 20.51 -21.56
N ILE A 312 11.10 21.65 -22.23
CA ILE A 312 9.90 22.43 -22.54
C ILE A 312 9.22 21.81 -23.76
N GLY A 313 7.93 21.52 -23.63
CA GLY A 313 7.13 21.02 -24.76
C GLY A 313 6.66 19.59 -24.60
N THR A 314 5.70 19.19 -25.41
CA THR A 314 5.28 17.79 -25.48
C THR A 314 6.29 16.97 -26.29
N TYR A 315 6.63 15.78 -25.80
CA TYR A 315 7.60 14.91 -26.49
C TYR A 315 6.87 14.09 -27.54
N THR A 316 7.31 14.21 -28.80
CA THR A 316 6.65 13.58 -29.96
C THR A 316 7.52 12.50 -30.63
N GLY A 317 8.75 12.33 -30.12
CA GLY A 317 9.71 11.40 -30.69
C GLY A 317 9.48 9.95 -30.26
N PRO A 318 10.40 9.06 -30.68
CA PRO A 318 10.26 7.62 -30.42
C PRO A 318 10.95 7.20 -29.12
N LEU A 319 10.83 5.92 -28.79
CA LEU A 319 11.57 5.34 -27.67
C LEU A 319 12.99 5.19 -28.10
N GLN A 320 13.90 5.83 -27.37
CA GLN A 320 15.33 5.71 -27.64
C GLN A 320 16.04 5.37 -26.35
N HIS A 321 17.22 4.79 -26.50
CA HIS A 321 18.04 4.44 -25.36
C HIS A 321 18.35 5.68 -24.52
N GLY A 322 18.14 5.57 -23.21
CA GLY A 322 18.44 6.67 -22.30
C GLY A 322 17.35 7.73 -22.14
N ILE A 323 16.27 7.66 -22.91
CA ILE A 323 15.20 8.65 -22.74
C ILE A 323 14.45 8.34 -21.43
N VAL A 324 14.06 9.38 -20.70
CA VAL A 324 13.20 9.21 -19.54
C VAL A 324 11.94 10.07 -19.76
N TYR A 325 10.78 9.44 -19.60
CA TYR A 325 9.50 10.10 -19.82
C TYR A 325 8.90 10.62 -18.53
N SER A 326 8.01 11.60 -18.67
CA SER A 326 7.24 12.15 -17.56
C SER A 326 5.80 12.36 -17.98
N GLY A 327 4.83 11.96 -17.14
CA GLY A 327 3.43 12.10 -17.48
C GLY A 327 2.93 11.03 -18.44
N GLY A 328 2.28 11.44 -19.52
CA GLY A 328 1.76 10.48 -20.48
C GLY A 328 0.59 9.68 -19.95
N SER A 329 0.41 8.47 -20.48
CA SER A 329 -0.70 7.59 -20.07
C SER A 329 -0.28 6.16 -20.22
N SER A 330 -1.13 5.24 -19.75
CA SER A 330 -0.85 3.84 -19.94
C SER A 330 -0.72 3.45 -21.43
N ASP A 331 -1.37 4.19 -22.32
CA ASP A 331 -1.25 3.94 -23.74
C ASP A 331 0.15 4.20 -24.27
N THR A 332 0.88 5.13 -23.62
CA THR A 332 2.30 5.38 -23.94
C THR A 332 3.10 4.13 -23.76
N ILE A 333 2.88 3.44 -22.66
CA ILE A 333 3.57 2.16 -22.38
C ILE A 333 3.22 1.14 -23.47
N CYS A 334 1.92 0.92 -23.69
CA CYS A 334 1.49 -0.07 -24.67
C CYS A 334 2.06 0.20 -26.06
N ASP A 335 1.95 1.45 -26.49
CA ASP A 335 2.43 1.82 -27.82
CA ASP A 335 2.42 1.80 -27.82
C ASP A 335 3.94 1.58 -27.95
N LEU A 336 4.70 2.13 -27.01
CA LEU A 336 6.18 2.09 -27.12
C LEU A 336 6.78 0.70 -26.92
N LEU A 337 6.13 -0.13 -26.12
CA LEU A 337 6.56 -1.50 -25.91
C LEU A 337 5.88 -2.53 -26.82
N GLY A 338 4.92 -2.10 -27.64
CA GLY A 338 4.27 -3.04 -28.56
C GLY A 338 3.48 -4.08 -27.82
N ALA A 339 2.80 -3.67 -26.75
CA ALA A 339 2.09 -4.57 -25.84
C ALA A 339 0.59 -4.28 -25.87
N LYS A 340 -0.18 -5.33 -25.59
CA LYS A 340 -1.58 -5.26 -25.23
C LYS A 340 -1.64 -5.48 -23.72
N GLY A 341 -2.75 -5.08 -23.12
CA GLY A 341 -2.88 -5.17 -21.69
C GLY A 341 -2.58 -6.52 -21.08
N LYS A 342 -3.09 -7.61 -21.67
CA LYS A 342 -2.94 -8.93 -21.08
C LYS A 342 -1.50 -9.52 -21.21
N ASP A 343 -0.66 -8.84 -21.99
CA ASP A 343 0.78 -9.16 -22.09
C ASP A 343 1.56 -8.49 -20.94
N ILE A 344 0.91 -7.61 -20.18
CA ILE A 344 1.56 -6.81 -19.12
C ILE A 344 1.19 -7.35 -17.76
N LEU A 345 2.19 -7.55 -16.89
CA LEU A 345 1.96 -7.77 -15.47
C LEU A 345 2.43 -6.50 -14.76
N TYR A 346 1.50 -5.76 -14.17
CA TYR A 346 1.84 -4.57 -13.42
C TYR A 346 1.88 -4.88 -11.94
N ILE A 347 3.03 -4.54 -11.33
CA ILE A 347 3.33 -4.87 -9.93
C ILE A 347 3.16 -3.60 -9.14
N GLY A 348 2.13 -3.58 -8.28
CA GLY A 348 1.71 -2.37 -7.58
C GLY A 348 1.50 -2.61 -6.11
N ASP A 349 1.57 -1.56 -5.30
CA ASP A 349 1.18 -1.63 -3.88
C ASP A 349 -0.10 -0.82 -3.60
N HIS A 350 -0.56 -0.01 -4.57
CA HIS A 350 -1.74 0.83 -4.37
C HIS A 350 -2.93 0.06 -4.93
N ILE A 351 -3.77 -0.44 -4.05
CA ILE A 351 -4.89 -1.27 -4.46
C ILE A 351 -5.84 -0.55 -5.42
N PHE A 352 -6.00 0.76 -5.23
CA PHE A 352 -6.86 1.57 -6.10
C PHE A 352 -6.11 2.06 -7.33
N GLY A 353 -5.05 2.84 -7.09
CA GLY A 353 -4.35 3.56 -8.15
C GLY A 353 -3.48 2.74 -9.07
N ASP A 354 -2.98 1.59 -8.59
CA ASP A 354 -2.19 0.69 -9.42
C ASP A 354 -3.04 -0.47 -9.94
N ILE A 355 -3.77 -1.12 -9.04
CA ILE A 355 -4.28 -2.45 -9.33
C ILE A 355 -5.73 -2.39 -9.86
N LEU A 356 -6.63 -1.88 -9.05
CA LEU A 356 -8.02 -1.72 -9.52
C LEU A 356 -8.10 -0.94 -10.85
N LYS A 357 -7.41 0.19 -10.93
CA LYS A 357 -7.52 1.02 -12.14
C LYS A 357 -6.87 0.40 -13.37
N SER A 358 -5.70 -0.22 -13.23
CA SER A 358 -5.11 -0.90 -14.41
C SER A 358 -5.94 -2.10 -14.89
N LYS A 359 -6.49 -2.84 -13.95
CA LYS A 359 -7.37 -3.97 -14.30
C LYS A 359 -8.63 -3.47 -14.99
N LYS A 360 -9.32 -2.54 -14.34
CA LYS A 360 -10.67 -2.14 -14.81
C LYS A 360 -10.59 -1.28 -16.06
N ARG A 361 -9.62 -0.37 -16.13
CA ARG A 361 -9.58 0.55 -17.24
C ARG A 361 -8.87 -0.02 -18.47
N GLN A 362 -7.93 -0.94 -18.24
CA GLN A 362 -7.06 -1.40 -19.33
C GLN A 362 -6.92 -2.91 -19.50
N GLY A 363 -7.44 -3.70 -18.57
CA GLY A 363 -7.33 -5.15 -18.66
C GLY A 363 -5.88 -5.65 -18.56
N TRP A 364 -5.06 -4.91 -17.82
CA TRP A 364 -3.71 -5.37 -17.49
C TRP A 364 -3.79 -6.53 -16.52
N ARG A 365 -2.77 -7.39 -16.51
CA ARG A 365 -2.63 -8.37 -15.42
C ARG A 365 -1.96 -7.66 -14.22
N THR A 366 -2.33 -8.12 -13.02
CA THR A 366 -1.99 -7.39 -11.80
C THR A 366 -1.32 -8.30 -10.76
N PHE A 367 -0.33 -7.71 -10.08
CA PHE A 367 0.36 -8.33 -8.96
C PHE A 367 0.36 -7.28 -7.87
N LEU A 368 -0.28 -7.57 -6.74
CA LEU A 368 -0.33 -6.65 -5.60
C LEU A 368 0.69 -7.07 -4.56
N VAL A 369 1.60 -6.15 -4.21
CA VAL A 369 2.51 -6.32 -3.10
C VAL A 369 1.80 -5.83 -1.86
N ILE A 370 1.82 -6.64 -0.81
CA ILE A 370 1.23 -6.28 0.50
C ILE A 370 2.29 -6.47 1.57
N PRO A 371 3.07 -5.39 1.85
CA PRO A 371 4.21 -5.56 2.72
C PRO A 371 3.86 -6.16 4.07
N GLU A 372 2.69 -5.80 4.63
CA GLU A 372 2.28 -6.34 5.94
C GLU A 372 2.01 -7.81 5.98
N LEU A 373 1.82 -8.46 4.81
CA LEU A 373 1.48 -9.86 4.80
C LEU A 373 2.50 -10.76 5.50
N ALA A 374 3.77 -10.35 5.45
CA ALA A 374 4.87 -11.06 6.12
C ALA A 374 4.51 -11.21 7.57
N GLN A 375 4.22 -10.10 8.24
CA GLN A 375 3.80 -10.21 9.63
C GLN A 375 2.38 -10.77 9.82
N GLU A 376 1.43 -10.45 8.95
CA GLU A 376 0.06 -10.99 9.08
C GLU A 376 0.02 -12.52 8.98
N LEU A 377 0.82 -13.08 8.09
CA LEU A 377 0.92 -14.54 7.95
C LEU A 377 1.44 -15.15 9.24
N HIS A 378 2.47 -14.54 9.84
CA HIS A 378 3.00 -15.04 11.12
C HIS A 378 1.90 -15.12 12.18
N VAL A 379 1.15 -14.03 12.36
CA VAL A 379 0.02 -14.01 13.29
C VAL A 379 -1.04 -15.04 12.89
N TRP A 380 -1.36 -15.09 11.60
CA TRP A 380 -2.40 -15.98 11.08
C TRP A 380 -2.12 -17.46 11.44
N THR A 381 -0.87 -17.88 11.24
CA THR A 381 -0.48 -19.27 11.56
C THR A 381 -0.33 -19.45 13.08
N ASP A 382 0.42 -18.56 13.74
CA ASP A 382 0.62 -18.58 15.22
C ASP A 382 -0.67 -18.65 16.04
N LYS A 383 -1.70 -17.93 15.62
CA LYS A 383 -2.98 -17.85 16.35
C LYS A 383 -4.10 -18.60 15.62
N SER A 384 -3.74 -19.59 14.78
CA SER A 384 -4.72 -20.40 14.03
C SER A 384 -5.86 -20.98 14.88
N SER A 385 -5.57 -21.38 16.13
CA SER A 385 -6.56 -21.96 17.03
C SER A 385 -7.74 -21.02 17.34
N LEU A 386 -7.46 -19.72 17.46
CA LEU A 386 -8.53 -18.72 17.69
C LEU A 386 -9.52 -18.65 16.52
N PHE A 387 -9.01 -18.53 15.30
CA PHE A 387 -9.86 -18.56 14.09
C PHE A 387 -10.63 -19.88 14.00
N GLU A 388 -9.93 -20.99 14.23
CA GLU A 388 -10.52 -22.33 14.20
C GLU A 388 -11.68 -22.43 15.20
N GLU A 389 -11.47 -21.90 16.40
CA GLU A 389 -12.52 -21.85 17.42
C GLU A 389 -13.72 -21.01 16.96
N LEU A 390 -13.43 -19.86 16.35
CA LEU A 390 -14.46 -18.98 15.80
C LEU A 390 -15.30 -19.71 14.75
N GLN A 391 -14.62 -20.38 13.81
CA GLN A 391 -15.29 -21.18 12.77
C GLN A 391 -16.25 -22.20 13.39
N SER A 392 -15.79 -22.95 14.38
CA SER A 392 -16.63 -23.97 15.03
C SER A 392 -17.75 -23.37 15.88
N LEU A 393 -17.54 -22.18 16.44
CA LEU A 393 -18.62 -21.43 17.13
C LEU A 393 -19.69 -20.97 16.13
N ASP A 394 -19.25 -20.47 14.98
CA ASP A 394 -20.16 -20.10 13.89
C ASP A 394 -20.94 -21.34 13.39
N ILE A 395 -20.22 -22.46 13.17
CA ILE A 395 -20.82 -23.76 12.77
C ILE A 395 -21.91 -24.20 13.74
N PHE A 396 -21.56 -24.23 15.03
CA PHE A 396 -22.45 -24.69 16.11
C PHE A 396 -23.73 -23.85 16.06
N LEU A 397 -24.79 -24.45 15.52
CA LEU A 397 -26.03 -23.73 15.21
C LEU A 397 -27.28 -24.59 15.41
N ALA A 398 -28.09 -24.20 16.39
CA ALA A 398 -29.36 -24.83 16.71
C ALA A 398 -30.50 -23.85 16.42
N SER A 408 -26.58 -16.06 24.76
CA SER A 408 -25.23 -16.60 24.92
C SER A 408 -24.70 -17.11 23.58
N ILE A 409 -23.47 -17.65 23.58
CA ILE A 409 -22.76 -18.11 22.35
C ILE A 409 -22.37 -16.93 21.45
N GLN A 410 -23.37 -16.17 20.99
CA GLN A 410 -23.15 -14.88 20.31
C GLN A 410 -22.11 -13.98 21.00
N ARG A 411 -22.15 -13.93 22.34
CA ARG A 411 -21.21 -13.11 23.11
C ARG A 411 -19.82 -13.75 23.22
N ARG A 412 -19.76 -15.09 23.21
CA ARG A 412 -18.49 -15.82 23.06
C ARG A 412 -17.83 -15.56 21.68
N ILE A 413 -18.65 -15.52 20.63
CA ILE A 413 -18.18 -15.16 19.28
C ILE A 413 -17.56 -13.75 19.27
N LYS A 414 -18.20 -12.79 19.94
CA LYS A 414 -17.70 -11.42 20.06
C LYS A 414 -16.42 -11.35 20.88
N LYS A 415 -16.34 -12.17 21.92
CA LYS A 415 -15.13 -12.30 22.74
C LYS A 415 -13.95 -12.80 21.90
N VAL A 416 -14.13 -13.96 21.27
CA VAL A 416 -13.06 -14.61 20.50
C VAL A 416 -12.65 -13.73 19.30
N THR A 417 -13.64 -13.09 18.66
CA THR A 417 -13.37 -12.10 17.59
C THR A 417 -12.42 -10.98 18.11
N HIS A 418 -12.70 -10.46 19.30
CA HIS A 418 -11.85 -9.41 19.88
C HIS A 418 -10.42 -9.90 20.15
N ASP A 419 -10.28 -11.05 20.82
CA ASP A 419 -8.96 -11.61 21.12
C ASP A 419 -8.13 -11.88 19.86
N MET A 420 -8.76 -12.45 18.84
CA MET A 420 -8.11 -12.69 17.54
C MET A 420 -7.63 -11.36 16.96
N ASP A 421 -8.57 -10.40 16.85
CA ASP A 421 -8.29 -9.08 16.27
C ASP A 421 -7.12 -8.35 16.95
N MET A 422 -7.08 -8.41 18.29
CA MET A 422 -6.05 -7.73 19.05
C MET A 422 -4.64 -8.26 18.80
N CYS A 423 -4.53 -9.48 18.28
CA CYS A 423 -3.22 -10.05 17.96
C CYS A 423 -2.53 -9.28 16.87
N TYR A 424 -3.32 -8.59 16.02
CA TYR A 424 -2.81 -7.82 14.91
C TYR A 424 -2.55 -6.34 15.23
N GLY A 425 -3.18 -5.83 16.29
CA GLY A 425 -3.15 -4.42 16.64
C GLY A 425 -4.55 -3.96 17.03
N MET A 426 -4.64 -2.70 17.40
CA MET A 426 -5.91 -2.16 17.91
C MET A 426 -7.04 -2.09 16.85
N MET A 427 -6.62 -1.99 15.60
CA MET A 427 -7.57 -1.96 14.46
C MET A 427 -7.60 -3.28 13.71
N GLY A 428 -7.05 -4.32 14.33
CA GLY A 428 -7.15 -5.66 13.75
C GLY A 428 -6.43 -5.94 12.46
N SER A 429 -6.72 -7.10 11.90
CA SER A 429 -6.11 -7.54 10.67
C SER A 429 -6.53 -6.66 9.50
N LEU A 430 -5.60 -6.50 8.57
CA LEU A 430 -5.82 -5.84 7.32
C LEU A 430 -6.97 -6.50 6.58
N PHE A 431 -7.14 -7.81 6.80
CA PHE A 431 -8.00 -8.62 5.94
C PHE A 431 -9.34 -9.01 6.52
N ARG A 432 -9.54 -8.83 7.81
CA ARG A 432 -10.76 -9.29 8.44
C ARG A 432 -10.93 -8.73 9.83
N SER A 433 -12.16 -8.79 10.32
CA SER A 433 -12.45 -8.72 11.74
C SER A 433 -13.22 -9.99 12.03
N GLY A 434 -12.60 -10.89 12.81
CA GLY A 434 -13.16 -12.23 13.03
C GLY A 434 -13.46 -12.92 11.72
N SER A 435 -14.70 -13.36 11.54
CA SER A 435 -15.06 -14.08 10.35
C SER A 435 -15.49 -13.17 9.19
N ARG A 436 -15.48 -11.85 9.38
CA ARG A 436 -15.89 -10.93 8.31
C ARG A 436 -14.71 -10.31 7.58
N GLN A 437 -14.72 -10.43 6.26
CA GLN A 437 -13.65 -9.89 5.48
C GLN A 437 -13.79 -8.38 5.31
N THR A 438 -12.65 -7.70 5.25
CA THR A 438 -12.63 -6.25 5.06
C THR A 438 -12.85 -5.89 3.57
N LEU A 439 -13.18 -4.62 3.34
CA LEU A 439 -13.15 -4.04 2.02
C LEU A 439 -11.82 -4.33 1.33
N PHE A 440 -10.72 -4.12 2.04
CA PHE A 440 -9.42 -4.31 1.43
C PHE A 440 -9.26 -5.76 0.92
N ALA A 441 -9.58 -6.74 1.76
CA ALA A 441 -9.49 -8.15 1.40
C ALA A 441 -10.29 -8.39 0.14
N SER A 442 -11.51 -7.86 0.11
CA SER A 442 -12.41 -8.06 -1.02
CA SER A 442 -12.40 -8.08 -1.03
C SER A 442 -11.84 -7.47 -2.31
N GLN A 443 -11.23 -6.30 -2.21
CA GLN A 443 -10.62 -5.66 -3.38
C GLN A 443 -9.36 -6.38 -3.85
N VAL A 444 -8.59 -6.93 -2.93
CA VAL A 444 -7.44 -7.76 -3.29
C VAL A 444 -7.96 -8.95 -4.12
N MET A 445 -8.94 -9.67 -3.59
CA MET A 445 -9.48 -10.84 -4.28
C MET A 445 -10.02 -10.47 -5.66
N ARG A 446 -10.73 -9.34 -5.76
CA ARG A 446 -11.38 -8.99 -7.01
CA ARG A 446 -11.41 -8.94 -6.99
C ARG A 446 -10.44 -8.48 -8.10
N TYR A 447 -9.41 -7.72 -7.72
CA TYR A 447 -8.61 -7.01 -8.73
C TYR A 447 -7.16 -7.42 -8.85
N ALA A 448 -6.60 -8.04 -7.82
CA ALA A 448 -5.20 -8.51 -7.86
C ALA A 448 -5.16 -9.96 -8.36
N ASP A 449 -4.64 -10.19 -9.56
CA ASP A 449 -4.59 -11.56 -10.08
C ASP A 449 -3.69 -12.42 -9.19
N LEU A 450 -2.55 -11.84 -8.82
CA LEU A 450 -1.56 -12.43 -7.91
C LEU A 450 -1.30 -11.45 -6.81
N TYR A 451 -0.87 -11.96 -5.65
CA TYR A 451 -0.42 -11.10 -4.59
C TYR A 451 0.59 -11.80 -3.71
N ALA A 452 1.36 -11.00 -3.00
CA ALA A 452 2.41 -11.53 -2.15
C ALA A 452 2.93 -10.48 -1.21
N ALA A 453 3.70 -10.91 -0.20
CA ALA A 453 4.37 -9.99 0.70
C ALA A 453 5.37 -9.09 -0.05
N SER A 454 5.96 -9.64 -1.10
CA SER A 454 6.98 -8.94 -1.91
C SER A 454 6.96 -9.53 -3.30
N PHE A 455 7.21 -8.69 -4.31
CA PHE A 455 7.33 -9.21 -5.67
C PHE A 455 8.60 -10.06 -5.85
N ILE A 456 9.57 -9.92 -4.94
CA ILE A 456 10.76 -10.76 -4.98
C ILE A 456 10.40 -12.25 -4.94
N ASN A 457 9.22 -12.60 -4.43
CA ASN A 457 8.82 -13.99 -4.37
C ASN A 457 8.70 -14.66 -5.74
N LEU A 458 8.56 -13.85 -6.80
CA LEU A 458 8.61 -14.35 -8.17
C LEU A 458 9.94 -15.03 -8.52
N LEU A 459 11.00 -14.70 -7.80
CA LEU A 459 12.29 -15.38 -7.97
C LEU A 459 12.21 -16.89 -7.79
N TYR A 460 11.23 -17.35 -6.99
CA TYR A 460 11.14 -18.76 -6.60
C TYR A 460 10.26 -19.59 -7.53
N TYR A 461 9.74 -18.96 -8.59
CA TYR A 461 8.89 -19.63 -9.58
C TYR A 461 9.53 -19.50 -10.96
N PRO A 462 9.49 -20.57 -11.79
CA PRO A 462 9.99 -20.43 -13.18
C PRO A 462 9.08 -19.52 -14.01
N PHE A 463 9.61 -18.89 -15.07
CA PHE A 463 8.79 -17.96 -15.89
C PHE A 463 7.81 -18.66 -16.85
N SER A 464 7.89 -19.98 -16.90
CA SER A 464 6.85 -20.81 -17.53
C SER A 464 5.75 -21.23 -16.53
N TYR A 465 5.79 -20.78 -15.27
CA TYR A 465 4.86 -21.30 -14.25
C TYR A 465 3.43 -20.96 -14.61
N LEU A 466 2.51 -21.89 -14.34
CA LEU A 466 1.08 -21.63 -14.46
C LEU A 466 0.53 -21.45 -13.05
N PHE A 467 0.25 -20.21 -12.69
CA PHE A 467 -0.38 -19.90 -11.42
C PHE A 467 -1.85 -20.27 -11.59
N ARG A 468 -2.37 -21.11 -10.69
CA ARG A 468 -3.71 -21.66 -10.82
C ARG A 468 -4.63 -21.27 -9.67
N ALA A 469 -5.85 -20.86 -10.02
CA ALA A 469 -6.93 -20.67 -9.05
C ALA A 469 -8.10 -21.55 -9.49
N ALA A 470 -8.83 -22.12 -8.54
CA ALA A 470 -10.03 -22.93 -8.88
C ALA A 470 -11.08 -22.10 -9.60
N HIS A 471 -11.74 -22.70 -10.60
CA HIS A 471 -12.90 -22.11 -11.27
C HIS A 471 -13.99 -21.88 -10.22
N VAL A 472 -14.66 -20.75 -10.36
CA VAL A 472 -15.74 -20.34 -9.47
C VAL A 472 -17.08 -20.86 -10.06
N LEU A 473 -17.93 -21.39 -9.17
CA LEU A 473 -19.32 -21.84 -9.51
C LEU A 473 -20.36 -21.08 -8.71
N MET A 474 -21.50 -20.80 -9.34
CA MET A 474 -22.61 -20.20 -8.62
C MET A 474 -23.27 -21.23 -7.71
N PRO A 475 -23.98 -20.78 -6.67
CA PRO A 475 -24.69 -21.72 -5.80
C PRO A 475 -25.57 -22.75 -6.55
N HIS A 476 -26.27 -22.33 -7.60
CA HIS A 476 -27.15 -23.28 -8.31
C HIS A 476 -26.36 -24.26 -9.19
N GLU A 477 -25.10 -23.95 -9.48
CA GLU A 477 -24.22 -24.80 -10.26
C GLU A 477 -23.44 -25.82 -9.41
N SER A 478 -23.46 -25.67 -8.08
CA SER A 478 -22.60 -26.44 -7.14
C SER A 478 -23.27 -27.72 -6.69
P PO4 B . 4.90 5.18 -6.82
O1 PO4 B . 6.19 4.66 -7.42
O2 PO4 B . 4.44 4.26 -5.74
O3 PO4 B . 3.93 5.31 -8.00
O4 PO4 B . 5.11 6.64 -6.33
MG MG C . 3.97 2.58 -4.93
MG MG D . -17.11 -1.10 -9.27
PG DTP E . -15.06 0.74 -8.38
O1G DTP E . -13.89 0.87 -9.32
O2G DTP E . -15.23 1.97 -7.55
O3G DTP E . -16.34 0.36 -9.11
PB DTP E . -15.66 -1.39 -6.48
O1B DTP E . -14.77 -2.35 -5.73
O2B DTP E . -16.80 -1.95 -7.32
O3B DTP E . -14.68 -0.51 -7.42
PA DTP E . -17.52 0.67 -5.65
O1A DTP E . -18.42 0.43 -4.47
O2A DTP E . -18.13 0.55 -7.02
O3A DTP E . -16.21 -0.29 -5.45
O5' DTP E . -16.89 2.13 -5.51
C5' DTP E . -17.43 3.27 -6.18
C4' DTP E . -16.58 4.52 -5.92
O4' DTP E . -15.61 4.34 -4.90
C3' DTP E . -15.82 5.04 -7.13
O3' DTP E . -16.08 6.44 -7.19
C2' DTP E . -14.34 4.84 -6.87
C1' DTP E . -14.30 4.68 -5.38
N9 DTP E . -13.43 3.59 -4.86
C8 DTP E . -13.59 2.26 -4.91
N7 DTP E . -12.61 1.60 -4.27
C5 DTP E . -11.80 2.55 -3.76
C6 DTP E . -10.56 2.57 -2.95
N6 DTP E . -9.99 1.40 -2.57
N1 DTP E . -10.04 3.78 -2.66
C2 DTP E . -10.61 4.94 -3.05
N3 DTP E . -11.74 5.01 -3.78
C4 DTP E . -12.35 3.86 -4.15
C1 GOL F . 1.00 -20.83 -5.52
O1 GOL F . -0.03 -20.42 -4.60
C2 GOL F . 0.48 -21.94 -6.40
O2 GOL F . 1.64 -22.59 -6.94
C3 GOL F . -0.40 -21.40 -7.53
O3 GOL F . -0.61 -22.32 -8.61
C1 GOL G . 0.78 11.06 0.51
O1 GOL G . -0.08 12.19 0.54
C2 GOL G . 1.59 11.06 -0.79
O2 GOL G . 2.65 10.11 -0.71
C3 GOL G . 0.70 10.74 -1.99
O3 GOL G . 1.29 9.67 -2.75
C1 GOL H . -17.26 -7.26 14.34
O1 GOL H . -15.95 -6.68 14.39
C2 GOL H . -17.54 -7.75 12.92
O2 GOL H . -18.93 -7.59 12.64
C3 GOL H . -17.15 -9.21 12.66
O3 GOL H . -16.20 -9.77 13.56
C1 GOL I . 8.24 10.05 -1.08
O1 GOL I . 8.03 11.31 -0.47
C2 GOL I . 7.17 9.91 -2.14
O2 GOL I . 6.79 8.55 -2.19
C3 GOL I . 7.61 10.24 -3.54
O3 GOL I . 6.96 11.36 -4.11
#